data_4BV3
#
_entry.id   4BV3
#
_cell.length_a   60.940
_cell.length_b   63.380
_cell.length_c   66.350
_cell.angle_alpha   90.00
_cell.angle_beta   90.00
_cell.angle_gamma   90.00
#
_symmetry.space_group_name_H-M   'P 21 21 21'
#
loop_
_entity.id
_entity.type
_entity.pdbx_description
1 polymer 'NAD-DEPENDENT PROTEIN DEACETYLASE SIRTUIN-3, MITOCHONDRIAL'
2 non-polymer NICOTINAMIDE-ADENINE-DINUCLEOTIDE
3 non-polymer ADENOSINE-5-DIPHOSPHORIBOSE
4 non-polymer '(1S)-6-chloro-2,3,4,9-tetrahydro-1H-carbazole-1- carboxamide'
5 non-polymer 'ZINC ION'
6 non-polymer 'NITRATE ION'
7 non-polymer GLYCEROL
8 non-polymer 'SODIUM ION'
9 non-polymer 'CHLORIDE ION'
10 water water
#
_entity_poly.entity_id   1
_entity_poly.type   'polypeptide(L)'
_entity_poly.pdbx_seq_one_letter_code
;GSSDKGKLSLQDVAELIRARACQRVVVMVGAGISTPSGIPDFRSPGSGLYSNLQQYDLPYPEAIFELPFFFHNPKPFFTL
AKELYPGNYKPNVTHYFLRLLHDKGLLLRLYTQNIDGLERVSGIPASKLVEAHGTFASATCTVCQRPFPGEDIRADVMAD
RVPRCPVCTGVVKPDIVFFGEPLPQRFLLHVVDFPMADLLLILGTSLEVEPFASLTEAVRSSVPRLLINRDLVGPLAWHP
RSRDVAQLGDVVHGVESLVELLGWTEEMRDLVQRETGKLDGPDK
;
_entity_poly.pdbx_strand_id   A
#
# COMPACT_ATOMS: atom_id res chain seq x y z
N LYS A 7 17.24 1.92 -23.52
CA LYS A 7 15.84 1.81 -23.03
C LYS A 7 15.36 0.36 -22.80
N LEU A 8 15.09 -0.01 -21.55
CA LEU A 8 14.51 -1.32 -21.29
C LEU A 8 13.04 -1.37 -21.52
N SER A 9 12.53 -2.52 -21.92
CA SER A 9 11.13 -2.71 -22.15
C SER A 9 10.55 -3.63 -21.06
N LEU A 10 9.22 -3.72 -21.02
CA LEU A 10 8.52 -4.63 -20.08
C LEU A 10 9.02 -6.06 -20.28
N GLN A 11 9.21 -6.37 -21.54
CA GLN A 11 9.74 -7.66 -21.99
C GLN A 11 11.19 -7.99 -21.42
N ASP A 12 12.04 -6.97 -21.36
CA ASP A 12 13.36 -7.11 -20.78
C ASP A 12 13.22 -7.36 -19.30
N VAL A 13 12.27 -6.71 -18.62
CA VAL A 13 12.12 -7.00 -17.20
C VAL A 13 11.68 -8.42 -16.91
N ALA A 14 10.72 -8.87 -17.71
CA ALA A 14 10.24 -10.20 -17.58
C ALA A 14 11.38 -11.23 -17.77
N GLU A 15 12.22 -10.95 -18.76
CA GLU A 15 13.34 -11.84 -19.03
C GLU A 15 14.33 -11.89 -17.83
N LEU A 16 14.59 -10.73 -17.23
CA LEU A 16 15.45 -10.69 -16.06
C LEU A 16 14.92 -11.54 -14.92
N ILE A 17 13.63 -11.43 -14.69
CA ILE A 17 12.97 -12.25 -13.64
C ILE A 17 13.03 -13.75 -14.03
N ARG A 18 12.63 -14.07 -15.25
CA ARG A 18 12.64 -15.47 -15.69
CA ARG A 18 12.68 -15.46 -15.74
C ARG A 18 14.05 -16.06 -15.50
N ALA A 19 15.08 -15.34 -15.90
CA ALA A 19 16.49 -15.77 -15.76
C ALA A 19 17.05 -15.77 -14.32
N ARG A 20 16.26 -15.33 -13.36
CA ARG A 20 16.75 -15.00 -12.04
C ARG A 20 17.97 -14.12 -12.08
N ALA A 21 18.07 -13.22 -13.06
CA ALA A 21 19.03 -12.13 -12.93
C ALA A 21 18.55 -11.11 -11.83
N CYS A 22 17.26 -11.11 -11.53
CA CYS A 22 16.64 -10.29 -10.46
C CYS A 22 16.00 -11.24 -9.46
N GLN A 23 16.60 -11.32 -8.30
CA GLN A 23 16.26 -12.32 -7.28
C GLN A 23 15.83 -11.72 -5.93
N ARG A 24 15.92 -10.39 -5.81
CA ARG A 24 15.60 -9.68 -4.55
C ARG A 24 14.78 -8.47 -4.95
N VAL A 25 13.51 -8.71 -5.18
CA VAL A 25 12.60 -7.63 -5.66
C VAL A 25 12.09 -6.93 -4.44
N VAL A 26 12.20 -5.61 -4.45
CA VAL A 26 11.49 -4.78 -3.49
C VAL A 26 10.33 -4.12 -4.20
N VAL A 27 9.20 -4.04 -3.49
CA VAL A 27 7.99 -3.55 -4.11
C VAL A 27 7.45 -2.38 -3.25
N MET A 28 7.03 -1.30 -3.93
CA MET A 28 6.30 -0.16 -3.29
C MET A 28 4.91 -0.02 -3.89
N VAL A 29 3.89 0.03 -3.02
CA VAL A 29 2.54 0.13 -3.52
C VAL A 29 1.79 1.27 -2.77
N GLY A 30 0.71 1.68 -3.41
CA GLY A 30 -0.21 2.63 -2.89
C GLY A 30 -1.63 2.31 -3.21
N ALA A 31 -2.46 3.32 -3.10
CA ALA A 31 -3.89 3.11 -3.04
C ALA A 31 -4.44 2.70 -4.40
N GLY A 32 -3.73 3.00 -5.48
CA GLY A 32 -4.19 2.51 -6.77
C GLY A 32 -4.24 1.01 -6.90
N ILE A 33 -3.46 0.23 -6.14
CA ILE A 33 -3.58 -1.20 -6.27
C ILE A 33 -4.85 -1.79 -5.66
N SER A 34 -5.57 -0.97 -4.91
CA SER A 34 -6.80 -1.41 -4.25
C SER A 34 -8.13 -0.83 -4.84
N THR A 35 -8.05 0.14 -5.71
CA THR A 35 -9.18 0.60 -6.43
C THR A 35 -9.94 -0.52 -7.17
N PRO A 36 -9.22 -1.51 -7.78
CA PRO A 36 -9.94 -2.60 -8.40
C PRO A 36 -10.74 -3.47 -7.39
N SER A 37 -10.35 -3.42 -6.13
CA SER A 37 -11.02 -4.18 -5.04
C SER A 37 -12.18 -3.33 -4.37
N GLY A 38 -12.42 -2.15 -4.89
CA GLY A 38 -13.52 -1.31 -4.45
C GLY A 38 -13.19 -0.32 -3.34
N ILE A 39 -11.92 0.01 -3.13
CA ILE A 39 -11.47 0.98 -2.16
C ILE A 39 -10.93 2.18 -2.90
N PRO A 40 -11.49 3.34 -2.65
CA PRO A 40 -11.07 4.49 -3.42
C PRO A 40 -9.61 4.91 -3.09
N ASP A 41 -8.94 5.53 -4.05
CA ASP A 41 -7.71 6.21 -3.81
C ASP A 41 -8.02 7.62 -3.27
N PHE A 42 -7.00 8.43 -3.14
CA PHE A 42 -7.18 9.76 -2.57
C PHE A 42 -7.52 10.78 -3.63
N ARG A 43 -6.95 10.69 -4.80
CA ARG A 43 -6.92 11.87 -5.67
C ARG A 43 -7.44 11.65 -7.09
N SER A 44 -8.01 10.52 -7.44
CA SER A 44 -8.44 10.37 -8.86
C SER A 44 -9.71 11.23 -8.98
N PRO A 45 -9.92 11.87 -10.15
CA PRO A 45 -11.16 12.64 -10.33
C PRO A 45 -12.40 11.84 -10.09
N GLY A 46 -13.38 12.45 -9.46
CA GLY A 46 -14.67 11.86 -9.26
C GLY A 46 -14.72 10.94 -8.05
N SER A 47 -13.85 9.94 -8.00
CA SER A 47 -14.04 8.89 -7.00
C SER A 47 -13.04 9.02 -5.86
N GLY A 48 -12.02 9.84 -6.04
CA GLY A 48 -10.95 10.07 -5.05
C GLY A 48 -11.56 10.48 -3.74
N LEU A 49 -11.00 9.98 -2.65
CA LEU A 49 -11.54 10.28 -1.30
C LEU A 49 -11.68 11.77 -1.02
N TYR A 50 -10.70 12.54 -1.48
CA TYR A 50 -10.66 13.95 -1.16
C TYR A 50 -11.77 14.75 -1.83
N SER A 51 -12.42 14.20 -2.81
CA SER A 51 -13.37 15.00 -3.48
C SER A 51 -14.82 14.65 -3.09
N ASN A 52 -15.05 13.75 -2.13
CA ASN A 52 -16.41 13.38 -1.74
C ASN A 52 -16.67 13.48 -0.23
N LEU A 53 -16.05 14.46 0.43
CA LEU A 53 -16.13 14.51 1.91
C LEU A 53 -17.04 15.62 2.42
N GLN A 54 -17.87 16.16 1.54
CA GLN A 54 -18.85 17.21 1.90
C GLN A 54 -19.68 16.90 3.10
N GLN A 55 -20.16 15.64 3.19
CA GLN A 55 -21.03 15.28 4.26
C GLN A 55 -20.46 15.53 5.62
N TYR A 56 -19.14 15.60 5.72
CA TYR A 56 -18.43 15.70 6.99
C TYR A 56 -18.09 17.15 7.39
N ASP A 57 -18.20 18.13 6.44
CA ASP A 57 -18.19 19.57 6.80
C ASP A 57 -16.88 19.88 7.48
N LEU A 58 -15.81 19.50 6.77
CA LEU A 58 -14.45 19.64 7.23
C LEU A 58 -13.93 20.99 6.81
N PRO A 59 -12.87 21.45 7.48
CA PRO A 59 -12.21 22.71 7.06
C PRO A 59 -11.56 22.56 5.70
N TYR A 60 -11.09 21.36 5.42
CA TYR A 60 -10.51 21.06 4.14
C TYR A 60 -10.42 19.52 4.11
N PRO A 61 -10.28 18.94 2.92
CA PRO A 61 -10.45 17.48 2.87
C PRO A 61 -9.45 16.64 3.68
N GLU A 62 -8.20 17.08 3.76
CA GLU A 62 -7.17 16.28 4.43
C GLU A 62 -7.36 16.17 5.90
N ALA A 63 -8.17 17.08 6.45
CA ALA A 63 -8.42 17.08 7.90
C ALA A 63 -8.96 15.73 8.47
N ILE A 64 -9.65 14.96 7.63
CA ILE A 64 -10.27 13.68 8.15
C ILE A 64 -9.20 12.69 8.58
N PHE A 65 -8.00 12.86 8.03
CA PHE A 65 -6.81 12.11 8.51
C PHE A 65 -5.75 12.91 9.23
N GLU A 66 -6.14 13.96 9.94
CA GLU A 66 -5.20 14.72 10.73
C GLU A 66 -5.58 14.57 12.17
N LEU A 67 -4.58 14.61 13.05
CA LEU A 67 -4.84 14.48 14.49
C LEU A 67 -5.54 15.59 15.14
N PRO A 68 -5.12 16.83 14.85
CA PRO A 68 -5.86 17.84 15.56
C PRO A 68 -7.36 17.85 15.18
N PHE A 69 -7.70 17.66 13.91
CA PHE A 69 -9.14 17.53 13.63
C PHE A 69 -9.74 16.34 14.41
N PHE A 70 -9.03 15.21 14.41
CA PHE A 70 -9.49 14.04 15.11
C PHE A 70 -9.84 14.34 16.59
N PHE A 71 -9.00 15.11 17.29
CA PHE A 71 -9.26 15.43 18.70
C PHE A 71 -10.47 16.35 18.79
N HIS A 72 -10.65 17.26 17.82
CA HIS A 72 -11.78 18.18 17.79
C HIS A 72 -13.05 17.38 17.57
N ASN A 73 -13.01 16.41 16.65
CA ASN A 73 -14.17 15.60 16.32
C ASN A 73 -13.76 14.30 15.58
N PRO A 74 -13.80 13.18 16.31
CA PRO A 74 -13.37 11.87 15.78
C PRO A 74 -14.44 11.17 14.92
N LYS A 75 -15.67 11.66 14.95
CA LYS A 75 -16.77 10.97 14.25
C LYS A 75 -16.60 10.86 12.75
N PRO A 76 -16.17 11.96 12.08
CA PRO A 76 -16.01 11.86 10.66
C PRO A 76 -15.00 10.75 10.32
N PHE A 77 -13.84 10.71 10.93
CA PHE A 77 -12.93 9.60 10.65
C PHE A 77 -13.55 8.24 10.96
N PHE A 78 -14.23 8.07 12.11
CA PHE A 78 -14.71 6.75 12.40
C PHE A 78 -15.83 6.30 11.46
N THR A 79 -16.54 7.27 10.91
CA THR A 79 -17.62 6.94 9.98
C THR A 79 -16.96 6.43 8.74
N LEU A 80 -15.93 7.14 8.31
CA LEU A 80 -15.26 6.70 7.11
C LEU A 80 -14.58 5.37 7.38
N ALA A 81 -13.99 5.22 8.55
CA ALA A 81 -13.35 3.97 8.88
C ALA A 81 -14.29 2.79 8.90
N LYS A 82 -15.55 2.99 9.31
CA LYS A 82 -16.53 1.92 9.19
C LYS A 82 -16.62 1.42 7.71
N GLU A 83 -16.68 2.37 6.80
CA GLU A 83 -16.83 2.07 5.36
C GLU A 83 -15.60 1.39 4.83
N LEU A 84 -14.44 1.74 5.36
CA LEU A 84 -13.17 1.16 4.91
C LEU A 84 -12.70 -0.04 5.72
N TYR A 85 -13.46 -0.47 6.71
CA TYR A 85 -12.87 -1.40 7.66
C TYR A 85 -12.62 -2.74 7.02
N PRO A 86 -11.48 -3.35 7.27
CA PRO A 86 -11.23 -4.60 6.58
C PRO A 86 -12.18 -5.79 6.99
N GLY A 87 -12.26 -6.79 6.13
CA GLY A 87 -13.07 -7.96 6.43
C GLY A 87 -13.74 -8.50 5.20
N ASN A 88 -14.24 -7.65 4.33
CA ASN A 88 -14.98 -8.20 3.22
C ASN A 88 -14.40 -7.80 1.89
N TYR A 89 -13.49 -6.83 1.80
CA TYR A 89 -12.86 -6.50 0.52
C TYR A 89 -11.94 -7.63 0.24
N LYS A 90 -11.74 -7.93 -1.03
CA LYS A 90 -10.84 -9.01 -1.40
C LYS A 90 -9.57 -8.51 -2.11
N PRO A 91 -8.47 -9.26 -2.00
CA PRO A 91 -7.32 -8.84 -2.81
C PRO A 91 -7.67 -9.09 -4.25
N ASN A 92 -7.06 -8.33 -5.16
CA ASN A 92 -7.17 -8.54 -6.57
C ASN A 92 -5.90 -9.14 -7.17
N VAL A 93 -5.85 -9.26 -8.49
CA VAL A 93 -4.71 -9.78 -9.19
C VAL A 93 -3.37 -9.09 -8.87
N THR A 94 -3.38 -7.75 -8.69
CA THR A 94 -2.18 -7.01 -8.28
CA THR A 94 -2.17 -7.02 -8.29
C THR A 94 -1.58 -7.66 -7.04
N HIS A 95 -2.42 -7.87 -6.00
CA HIS A 95 -1.98 -8.49 -4.75
C HIS A 95 -1.52 -9.94 -4.99
N TYR A 96 -2.26 -10.69 -5.81
CA TYR A 96 -1.89 -12.09 -6.01
C TYR A 96 -0.63 -12.24 -6.84
N PHE A 97 -0.34 -11.29 -7.69
CA PHE A 97 0.93 -11.33 -8.38
C PHE A 97 2.07 -11.12 -7.39
N LEU A 98 1.92 -10.18 -6.47
CA LEU A 98 2.92 -9.99 -5.44
C LEU A 98 3.08 -11.24 -4.52
N ARG A 99 1.95 -11.87 -4.23
CA ARG A 99 1.94 -13.10 -3.49
C ARG A 99 2.69 -14.17 -4.29
N LEU A 100 2.51 -14.19 -5.60
CA LEU A 100 3.26 -15.13 -6.48
C LEU A 100 4.75 -14.85 -6.53
N LEU A 101 5.15 -13.57 -6.59
CA LEU A 101 6.61 -13.29 -6.36
C LEU A 101 7.19 -13.91 -5.07
N HIS A 102 6.47 -13.78 -3.99
CA HIS A 102 6.93 -14.41 -2.75
C HIS A 102 6.98 -15.99 -2.82
N ASP A 103 5.93 -16.60 -3.37
CA ASP A 103 5.96 -18.06 -3.57
C ASP A 103 7.16 -18.46 -4.40
N LYS A 104 7.51 -17.68 -5.39
CA LYS A 104 8.65 -18.06 -6.22
C LYS A 104 10.01 -17.60 -5.65
N GLY A 105 10.02 -17.16 -4.39
CA GLY A 105 11.27 -16.79 -3.67
C GLY A 105 11.92 -15.51 -4.18
N LEU A 106 11.17 -14.66 -4.86
CA LEU A 106 11.73 -13.41 -5.47
C LEU A 106 11.53 -12.13 -4.67
N LEU A 107 10.71 -12.19 -3.66
CA LEU A 107 10.30 -10.97 -2.94
C LEU A 107 11.18 -10.74 -1.74
N LEU A 108 11.98 -9.67 -1.78
CA LEU A 108 12.74 -9.22 -0.57
C LEU A 108 11.84 -8.54 0.43
N ARG A 109 11.05 -7.57 -0.02
CA ARG A 109 10.13 -6.87 0.86
C ARG A 109 9.10 -6.07 0.04
N LEU A 110 7.91 -5.91 0.63
CA LEU A 110 6.79 -5.23 0.03
C LEU A 110 6.44 -4.08 0.95
N TYR A 111 6.75 -2.88 0.49
CA TYR A 111 6.46 -1.67 1.26
C TYR A 111 5.09 -1.12 0.80
N THR A 112 4.13 -0.99 1.72
CA THR A 112 2.82 -0.55 1.37
C THR A 112 2.41 0.72 2.10
N GLN A 113 1.81 1.65 1.37
CA GLN A 113 1.13 2.81 1.98
C GLN A 113 -0.32 2.56 2.39
N ASN A 114 -0.85 1.38 2.05
CA ASN A 114 -2.28 1.12 2.27
C ASN A 114 -2.52 0.57 3.66
N ILE A 115 -3.69 0.90 4.17
CA ILE A 115 -4.14 0.32 5.46
C ILE A 115 -5.15 -0.80 5.32
N ASP A 116 -5.46 -1.16 4.09
CA ASP A 116 -6.54 -2.11 3.81
C ASP A 116 -6.25 -3.55 4.22
N GLY A 117 -4.96 -3.88 4.41
CA GLY A 117 -4.51 -5.21 4.87
C GLY A 117 -4.54 -6.30 3.81
N LEU A 118 -4.69 -5.90 2.53
CA LEU A 118 -5.01 -6.87 1.51
C LEU A 118 -3.78 -7.71 1.17
N GLU A 119 -2.60 -7.12 1.40
CA GLU A 119 -1.34 -7.79 1.18
C GLU A 119 -1.28 -9.09 2.07
N ARG A 120 -1.52 -8.96 3.35
CA ARG A 120 -1.59 -10.10 4.28
C ARG A 120 -2.69 -11.06 3.84
N VAL A 121 -3.87 -10.51 3.58
CA VAL A 121 -5.00 -11.30 3.14
C VAL A 121 -4.60 -12.16 1.90
N SER A 122 -3.73 -11.65 1.00
CA SER A 122 -3.41 -12.41 -0.16
C SER A 122 -2.49 -13.58 0.20
N GLY A 123 -2.00 -13.58 1.45
CA GLY A 123 -1.14 -14.62 2.00
C GLY A 123 0.38 -14.35 1.98
N ILE A 124 0.79 -13.11 1.80
CA ILE A 124 2.23 -12.77 1.88
C ILE A 124 2.50 -12.70 3.40
N PRO A 125 3.57 -13.35 3.90
CA PRO A 125 3.69 -13.36 5.36
C PRO A 125 4.14 -11.96 5.90
N ALA A 126 3.77 -11.70 7.14
CA ALA A 126 4.01 -10.40 7.76
C ALA A 126 5.47 -9.97 7.68
N SER A 127 6.41 -10.94 7.82
CA SER A 127 7.85 -10.67 7.78
C SER A 127 8.33 -10.05 6.46
N LYS A 128 7.61 -10.29 5.38
CA LYS A 128 7.90 -9.69 4.05
C LYS A 128 7.22 -8.36 3.83
N LEU A 129 6.39 -7.93 4.75
CA LEU A 129 5.61 -6.69 4.59
C LEU A 129 6.08 -5.57 5.46
N VAL A 130 6.16 -4.36 4.87
CA VAL A 130 6.26 -3.18 5.73
C VAL A 130 5.07 -2.28 5.51
N GLU A 131 4.23 -2.26 6.52
CA GLU A 131 2.99 -1.48 6.54
C GLU A 131 3.33 -0.06 6.95
N ALA A 132 3.79 0.69 5.98
CA ALA A 132 4.45 1.95 6.23
C ALA A 132 3.48 3.00 6.79
N HIS A 133 2.18 2.88 6.51
CA HIS A 133 1.18 3.79 7.09
C HIS A 133 0.28 3.15 8.08
N GLY A 134 0.72 2.00 8.61
CA GLY A 134 0.09 1.42 9.81
C GLY A 134 -0.95 0.41 9.41
N THR A 135 -1.82 0.11 10.35
CA THR A 135 -2.71 -1.01 10.27
C THR A 135 -3.91 -0.83 11.22
N PHE A 136 -5.01 -1.44 10.83
CA PHE A 136 -6.17 -1.69 11.69
C PHE A 136 -5.99 -2.85 12.71
N ALA A 137 -4.93 -3.63 12.56
CA ALA A 137 -4.75 -4.85 13.41
C ALA A 137 -4.46 -4.50 14.87
N SER A 138 -3.97 -3.30 15.11
CA SER A 138 -3.81 -2.80 16.47
C SER A 138 -4.33 -1.36 16.59
N ALA A 139 -4.55 -0.97 17.84
CA ALA A 139 -5.10 0.31 18.22
C ALA A 139 -4.40 0.82 19.49
N THR A 140 -4.55 2.11 19.74
CA THR A 140 -3.88 2.76 20.84
C THR A 140 -4.72 3.88 21.43
N CYS A 141 -4.83 3.93 22.78
CA CYS A 141 -5.49 5.02 23.44
C CYS A 141 -4.69 6.29 23.17
N THR A 142 -5.35 7.30 22.61
CA THR A 142 -4.71 8.55 22.25
C THR A 142 -4.31 9.41 23.45
N VAL A 143 -4.82 9.07 24.62
CA VAL A 143 -4.43 9.75 25.87
C VAL A 143 -3.31 9.01 26.60
N CYS A 144 -3.61 7.84 27.17
CA CYS A 144 -2.66 7.05 28.02
C CYS A 144 -1.71 6.07 27.28
N GLN A 145 -1.85 5.98 25.96
CA GLN A 145 -0.97 5.22 25.12
C GLN A 145 -1.07 3.74 25.38
N ARG A 146 -2.09 3.30 26.09
CA ARG A 146 -2.32 1.88 26.19
C ARG A 146 -2.72 1.21 24.84
N PRO A 147 -1.95 0.17 24.44
CA PRO A 147 -2.25 -0.56 23.19
C PRO A 147 -3.37 -1.60 23.35
N PHE A 148 -4.11 -1.85 22.28
CA PHE A 148 -5.15 -2.88 22.24
C PHE A 148 -5.08 -3.62 20.95
N PRO A 149 -5.40 -4.90 20.97
CA PRO A 149 -5.69 -5.54 19.71
C PRO A 149 -6.75 -4.75 18.92
N GLY A 150 -6.53 -4.60 17.63
CA GLY A 150 -7.47 -3.83 16.82
C GLY A 150 -8.87 -4.36 16.79
N GLU A 151 -9.02 -5.67 16.87
CA GLU A 151 -10.33 -6.34 16.85
C GLU A 151 -11.24 -5.91 18.03
N ASP A 152 -10.64 -5.45 19.12
CA ASP A 152 -11.44 -5.00 20.27
C ASP A 152 -12.14 -3.67 20.01
N ILE A 153 -11.73 -2.89 18.99
CA ILE A 153 -12.55 -1.72 18.61
C ILE A 153 -13.51 -1.92 17.43
N ARG A 154 -13.57 -3.14 16.87
CA ARG A 154 -14.31 -3.37 15.63
CA ARG A 154 -14.31 -3.37 15.62
C ARG A 154 -15.79 -3.21 15.88
N ALA A 155 -16.27 -3.81 16.96
CA ALA A 155 -17.73 -3.75 17.23
C ALA A 155 -18.21 -2.30 17.42
N ASP A 156 -17.46 -1.50 18.17
CA ASP A 156 -17.80 -0.09 18.34
C ASP A 156 -17.85 0.62 17.02
N VAL A 157 -16.79 0.44 16.22
CA VAL A 157 -16.73 1.08 14.93
C VAL A 157 -17.95 0.71 14.04
N MET A 158 -18.25 -0.58 13.98
CA MET A 158 -19.36 -1.11 13.15
C MET A 158 -20.70 -0.64 13.68
N ALA A 159 -20.76 -0.36 14.97
CA ALA A 159 -21.98 0.18 15.56
C ALA A 159 -22.04 1.75 15.62
N ASP A 160 -21.17 2.46 14.89
CA ASP A 160 -21.17 3.92 14.85
C ASP A 160 -20.91 4.56 16.22
N ARG A 161 -20.13 3.91 17.06
CA ARG A 161 -19.71 4.50 18.33
C ARG A 161 -18.22 4.81 18.31
N VAL A 162 -17.82 5.84 19.03
CA VAL A 162 -16.41 6.18 19.14
C VAL A 162 -15.80 5.25 20.19
N PRO A 163 -14.78 4.44 19.80
CA PRO A 163 -14.20 3.55 20.80
C PRO A 163 -13.49 4.35 21.91
N ARG A 164 -13.77 3.99 23.15
CA ARG A 164 -13.11 4.59 24.28
C ARG A 164 -12.27 3.66 25.13
N CYS A 165 -11.25 4.24 25.77
CA CYS A 165 -10.30 3.44 26.55
C CYS A 165 -10.96 3.07 27.87
N PRO A 166 -10.87 1.81 28.26
CA PRO A 166 -11.50 1.40 29.52
C PRO A 166 -10.71 1.72 30.77
N VAL A 167 -9.49 2.25 30.61
CA VAL A 167 -8.67 2.68 31.71
C VAL A 167 -8.91 4.16 31.96
N CYS A 168 -8.96 4.94 30.90
CA CYS A 168 -8.84 6.38 31.01
C CYS A 168 -9.90 7.17 30.27
N THR A 169 -10.76 6.46 29.52
CA THR A 169 -11.88 7.01 28.74
C THR A 169 -11.47 7.83 27.51
N GLY A 170 -10.17 7.98 27.28
CA GLY A 170 -9.71 8.67 26.08
C GLY A 170 -10.16 7.95 24.81
N VAL A 171 -10.25 8.70 23.72
CA VAL A 171 -10.53 8.05 22.41
C VAL A 171 -9.43 7.07 21.98
N VAL A 172 -9.84 5.83 21.67
CA VAL A 172 -8.93 4.84 21.11
C VAL A 172 -8.92 4.82 19.60
N LYS A 173 -7.74 4.96 19.00
CA LYS A 173 -7.56 5.14 17.58
C LYS A 173 -6.85 3.89 16.96
N PRO A 174 -7.34 3.31 15.85
CA PRO A 174 -6.47 2.32 15.24
C PRO A 174 -5.08 2.88 14.89
N ASP A 175 -4.07 1.99 14.80
CA ASP A 175 -2.70 2.41 14.55
C ASP A 175 -2.40 2.69 13.07
N ILE A 176 -3.29 3.50 12.49
CA ILE A 176 -3.13 4.06 11.17
C ILE A 176 -2.30 5.31 11.35
N VAL A 177 -1.41 5.58 10.43
CA VAL A 177 -0.59 6.75 10.51
C VAL A 177 -1.34 7.93 9.93
N PHE A 178 -1.70 8.89 10.77
CA PHE A 178 -2.37 10.12 10.32
C PHE A 178 -1.27 11.05 9.77
N PHE A 179 -1.64 12.04 8.98
CA PHE A 179 -0.67 13.10 8.63
C PHE A 179 0.20 13.58 9.72
N GLY A 180 1.49 13.53 9.44
CA GLY A 180 2.47 14.06 10.35
C GLY A 180 2.70 13.22 11.58
N GLU A 181 1.99 12.10 11.77
CA GLU A 181 2.32 11.18 12.83
C GLU A 181 3.67 10.44 12.47
N PRO A 182 4.37 9.95 13.48
CA PRO A 182 5.59 9.13 13.41
C PRO A 182 5.40 7.94 12.49
N LEU A 183 6.43 7.62 11.74
CA LEU A 183 6.41 6.48 10.92
C LEU A 183 6.53 5.22 11.84
N PRO A 184 5.87 4.13 11.49
CA PRO A 184 6.12 2.92 12.32
C PRO A 184 7.56 2.38 12.26
N GLN A 185 7.91 1.62 13.29
CA GLN A 185 9.26 1.07 13.43
C GLN A 185 9.69 0.15 12.26
N ARG A 186 8.80 -0.70 11.74
CA ARG A 186 9.18 -1.49 10.58
C ARG A 186 9.55 -0.69 9.38
N PHE A 187 9.13 0.57 9.30
CA PHE A 187 9.57 1.42 8.16
C PHE A 187 11.13 1.52 8.10
N LEU A 188 11.76 1.49 9.29
CA LEU A 188 13.22 1.58 9.45
C LEU A 188 14.01 0.46 8.70
N LEU A 189 13.32 -0.58 8.28
CA LEU A 189 13.91 -1.61 7.46
C LEU A 189 14.33 -1.09 6.08
N HIS A 190 13.91 0.11 5.71
CA HIS A 190 14.23 0.56 4.35
C HIS A 190 15.73 0.70 4.14
N VAL A 191 16.46 1.00 5.20
N VAL A 191 16.49 1.01 5.19
CA VAL A 191 17.91 1.24 5.10
CA VAL A 191 17.94 1.24 5.00
C VAL A 191 18.63 -0.04 4.72
C VAL A 191 18.64 -0.05 4.68
N VAL A 192 18.14 -1.16 5.21
CA VAL A 192 18.72 -2.46 4.91
C VAL A 192 18.26 -3.02 3.55
N ASP A 193 16.99 -2.82 3.19
CA ASP A 193 16.37 -3.49 2.03
C ASP A 193 16.73 -2.85 0.75
N PHE A 194 16.76 -1.50 0.68
CA PHE A 194 16.94 -0.83 -0.58
C PHE A 194 18.29 -1.02 -1.25
N PRO A 195 19.42 -1.06 -0.49
CA PRO A 195 20.71 -1.36 -1.13
C PRO A 195 20.84 -2.79 -1.66
N MET A 196 20.09 -3.72 -1.07
CA MET A 196 20.05 -5.10 -1.56
C MET A 196 19.10 -5.37 -2.72
N ALA A 197 18.10 -4.50 -2.95
CA ALA A 197 17.20 -4.70 -4.07
C ALA A 197 17.96 -4.93 -5.36
N ASP A 198 17.52 -5.86 -6.21
CA ASP A 198 18.07 -5.94 -7.57
C ASP A 198 16.98 -5.63 -8.64
N LEU A 199 15.75 -5.42 -8.15
CA LEU A 199 14.63 -4.96 -8.98
C LEU A 199 13.68 -4.15 -8.11
N LEU A 200 13.22 -3.01 -8.60
CA LEU A 200 12.19 -2.27 -7.87
C LEU A 200 10.87 -2.22 -8.69
N LEU A 201 9.76 -2.63 -8.10
CA LEU A 201 8.45 -2.54 -8.70
C LEU A 201 7.62 -1.52 -7.88
N ILE A 202 7.00 -0.59 -8.56
CA ILE A 202 6.19 0.47 -7.93
C ILE A 202 4.85 0.36 -8.64
N LEU A 203 3.76 0.15 -7.88
CA LEU A 203 2.43 -0.02 -8.41
CA LEU A 203 2.42 -0.07 -8.40
C LEU A 203 1.45 0.88 -7.71
N GLY A 204 0.63 1.59 -8.47
CA GLY A 204 -0.54 2.33 -7.93
C GLY A 204 -0.29 3.32 -6.86
N THR A 205 0.67 4.20 -7.08
CA THR A 205 0.91 5.31 -6.15
C THR A 205 1.33 6.55 -6.88
N SER A 206 0.92 7.68 -6.34
CA SER A 206 1.22 8.96 -6.96
C SER A 206 2.64 9.41 -6.59
N LEU A 207 3.22 8.77 -5.58
CA LEU A 207 4.60 9.03 -5.15
C LEU A 207 4.72 10.50 -4.71
N GLU A 208 3.67 10.98 -4.04
CA GLU A 208 3.61 12.37 -3.60
CA GLU A 208 3.62 12.35 -3.59
C GLU A 208 4.18 12.51 -2.19
N VAL A 209 4.01 11.49 -1.34
CA VAL A 209 4.46 11.61 0.02
C VAL A 209 5.90 11.22 0.25
N GLU A 210 6.58 12.09 0.99
CA GLU A 210 7.97 11.87 1.42
C GLU A 210 8.05 11.52 2.90
N PRO A 211 9.07 10.75 3.29
CA PRO A 211 10.18 10.14 2.50
C PRO A 211 9.82 8.90 1.67
N PHE A 212 8.60 8.39 1.77
CA PHE A 212 8.27 7.18 1.02
C PHE A 212 8.70 7.27 -0.47
N ALA A 213 8.34 8.37 -1.14
CA ALA A 213 8.60 8.49 -2.55
C ALA A 213 10.07 8.39 -2.88
N SER A 214 10.89 9.03 -2.05
CA SER A 214 12.35 9.00 -2.18
C SER A 214 12.98 7.65 -2.14
N LEU A 215 12.29 6.68 -1.54
CA LEU A 215 12.80 5.32 -1.55
C LEU A 215 13.03 4.79 -2.99
N THR A 216 12.27 5.27 -3.94
CA THR A 216 12.60 4.97 -5.32
C THR A 216 14.05 5.32 -5.73
N GLU A 217 14.65 6.36 -5.14
CA GLU A 217 16.02 6.77 -5.47
CA GLU A 217 16.02 6.78 -5.46
C GLU A 217 17.01 5.99 -4.64
N ALA A 218 16.55 5.23 -3.67
CA ALA A 218 17.47 4.62 -2.70
C ALA A 218 18.07 3.27 -3.19
N VAL A 219 17.48 2.72 -4.27
CA VAL A 219 18.07 1.57 -4.89
C VAL A 219 19.32 2.00 -5.68
N ARG A 220 20.24 1.05 -5.85
CA ARG A 220 21.44 1.24 -6.66
C ARG A 220 21.01 1.66 -8.02
N SER A 221 21.77 2.55 -8.62
CA SER A 221 21.34 3.16 -9.88
C SER A 221 21.42 2.23 -11.07
N SER A 222 21.92 1.04 -10.87
CA SER A 222 21.94 0.03 -11.92
C SER A 222 20.65 -0.82 -11.92
N VAL A 223 19.83 -0.62 -10.88
CA VAL A 223 18.70 -1.47 -10.60
C VAL A 223 17.53 -0.94 -11.48
N PRO A 224 16.89 -1.82 -12.23
CA PRO A 224 15.74 -1.41 -13.01
C PRO A 224 14.58 -1.07 -12.07
N ARG A 225 13.88 0.00 -12.39
CA ARG A 225 12.68 0.44 -11.68
C ARG A 225 11.46 0.37 -12.58
N LEU A 226 10.54 -0.50 -12.24
CA LEU A 226 9.39 -0.71 -13.13
C LEU A 226 8.17 -0.11 -12.42
N LEU A 227 7.61 0.90 -13.06
CA LEU A 227 6.39 1.55 -12.58
C LEU A 227 5.16 1.03 -13.29
N ILE A 228 4.19 0.48 -12.54
CA ILE A 228 2.92 0.12 -13.11
C ILE A 228 1.82 1.00 -12.51
N ASN A 229 1.33 1.91 -13.34
CA ASN A 229 0.49 3.00 -12.78
C ASN A 229 -0.22 3.74 -13.91
N ARG A 230 -1.27 4.51 -13.54
CA ARG A 230 -2.03 5.22 -14.56
CA ARG A 230 -2.06 5.30 -14.49
C ARG A 230 -1.11 6.26 -15.15
N ASP A 231 -0.28 6.87 -14.34
CA ASP A 231 0.57 7.96 -14.72
C ASP A 231 2.05 7.84 -14.33
N LEU A 232 2.86 8.53 -15.10
CA LEU A 232 4.27 8.62 -14.83
C LEU A 232 4.50 9.62 -13.72
N VAL A 233 5.09 9.15 -12.62
CA VAL A 233 5.08 9.93 -11.36
C VAL A 233 6.36 9.89 -10.52
N GLY A 234 6.52 10.92 -9.69
CA GLY A 234 7.67 10.98 -8.78
C GLY A 234 9.04 11.01 -9.45
N PRO A 235 10.05 10.42 -8.82
CA PRO A 235 11.38 10.28 -9.41
C PRO A 235 11.44 9.60 -10.76
N LEU A 236 10.47 8.74 -11.10
CA LEU A 236 10.41 8.27 -12.46
C LEU A 236 10.10 9.33 -13.50
N ALA A 237 9.39 10.37 -13.10
CA ALA A 237 9.08 11.51 -13.99
C ALA A 237 10.20 12.54 -13.87
N TRP A 238 10.68 12.80 -12.65
CA TRP A 238 11.59 13.95 -12.38
C TRP A 238 13.05 13.67 -12.15
N HIS A 239 13.38 12.41 -11.91
CA HIS A 239 14.76 12.00 -11.79
C HIS A 239 14.99 10.63 -12.52
N PRO A 240 14.65 10.55 -13.78
CA PRO A 240 14.70 9.28 -14.49
C PRO A 240 16.08 8.65 -14.51
N ARG A 241 16.11 7.35 -14.59
CA ARG A 241 17.40 6.68 -14.70
C ARG A 241 17.31 5.79 -15.88
N SER A 242 18.45 5.34 -16.36
CA SER A 242 18.49 4.73 -17.68
C SER A 242 17.80 3.39 -17.68
N ARG A 243 17.69 2.70 -16.53
CA ARG A 243 17.00 1.37 -16.52
C ARG A 243 15.54 1.43 -15.98
N ASP A 244 14.89 2.57 -16.20
CA ASP A 244 13.50 2.74 -15.74
C ASP A 244 12.62 2.26 -16.86
N VAL A 245 11.50 1.68 -16.47
CA VAL A 245 10.49 1.21 -17.37
C VAL A 245 9.13 1.58 -16.80
N ALA A 246 8.28 2.12 -17.66
CA ALA A 246 6.95 2.51 -17.29
C ALA A 246 5.92 1.73 -18.07
N GLN A 247 5.04 1.02 -17.38
CA GLN A 247 3.89 0.40 -18.00
C GLN A 247 2.66 1.19 -17.51
N LEU A 248 2.24 2.14 -18.33
CA LEU A 248 1.14 3.07 -17.92
C LEU A 248 -0.22 2.60 -18.35
N GLY A 249 -1.20 2.66 -17.44
CA GLY A 249 -2.58 2.28 -17.69
C GLY A 249 -3.14 1.61 -16.46
N ASP A 250 -4.20 0.86 -16.63
CA ASP A 250 -4.79 0.18 -15.52
C ASP A 250 -3.74 -0.77 -14.92
N VAL A 251 -3.71 -0.79 -13.58
CA VAL A 251 -2.73 -1.56 -12.86
C VAL A 251 -2.96 -3.05 -13.03
N VAL A 252 -4.22 -3.46 -13.15
CA VAL A 252 -4.51 -4.87 -13.34
C VAL A 252 -4.08 -5.31 -14.76
N HIS A 253 -4.46 -4.56 -15.79
CA HIS A 253 -3.96 -4.83 -17.12
C HIS A 253 -2.42 -4.87 -17.19
N GLY A 254 -1.76 -3.97 -16.46
CA GLY A 254 -0.28 -3.91 -16.46
C GLY A 254 0.32 -5.16 -15.86
N VAL A 255 -0.25 -5.56 -14.74
CA VAL A 255 0.21 -6.72 -14.03
C VAL A 255 -0.04 -7.96 -14.92
N GLU A 256 -1.22 -8.00 -15.56
CA GLU A 256 -1.49 -9.12 -16.47
C GLU A 256 -0.52 -9.24 -17.63
N SER A 257 -0.16 -8.12 -18.27
CA SER A 257 0.80 -8.10 -19.33
C SER A 257 2.12 -8.66 -18.91
N LEU A 258 2.54 -8.30 -17.72
CA LEU A 258 3.80 -8.78 -17.15
C LEU A 258 3.76 -10.26 -16.90
N VAL A 259 2.70 -10.71 -16.22
CA VAL A 259 2.42 -12.09 -15.92
C VAL A 259 2.45 -12.95 -17.22
N GLU A 260 1.87 -12.42 -18.31
CA GLU A 260 1.89 -13.10 -19.60
C GLU A 260 3.32 -13.22 -20.14
N LEU A 261 4.10 -12.13 -20.09
CA LEU A 261 5.51 -12.19 -20.56
C LEU A 261 6.35 -13.12 -19.72
N LEU A 262 5.98 -13.26 -18.45
CA LEU A 262 6.69 -14.11 -17.56
C LEU A 262 6.28 -15.56 -17.81
N GLY A 263 5.17 -15.81 -18.49
CA GLY A 263 4.70 -17.17 -18.61
C GLY A 263 4.02 -17.66 -17.34
N TRP A 264 3.45 -16.77 -16.51
CA TRP A 264 2.82 -17.18 -15.25
C TRP A 264 1.28 -17.15 -15.36
N THR A 265 0.73 -16.98 -16.56
CA THR A 265 -0.75 -16.82 -16.66
C THR A 265 -1.54 -17.98 -16.00
N GLU A 266 -1.20 -19.20 -16.34
CA GLU A 266 -1.87 -20.35 -15.78
C GLU A 266 -1.53 -20.51 -14.26
N GLU A 267 -0.30 -20.22 -13.84
CA GLU A 267 0.02 -20.34 -12.39
C GLU A 267 -0.82 -19.33 -11.58
N MET A 268 -1.07 -18.18 -12.18
CA MET A 268 -1.82 -17.11 -11.47
C MET A 268 -3.26 -17.52 -11.35
N ARG A 269 -3.83 -17.95 -12.47
CA ARG A 269 -5.20 -18.45 -12.54
C ARG A 269 -5.45 -19.47 -11.46
N ASP A 270 -4.56 -20.46 -11.42
CA ASP A 270 -4.61 -21.52 -10.39
C ASP A 270 -4.49 -20.94 -8.98
N LEU A 271 -3.57 -20.00 -8.82
CA LEU A 271 -3.40 -19.34 -7.49
C LEU A 271 -4.69 -18.60 -7.04
N VAL A 272 -5.16 -17.72 -7.89
CA VAL A 272 -6.36 -16.93 -7.61
C VAL A 272 -7.59 -17.81 -7.40
N GLN A 273 -7.74 -18.89 -8.17
CA GLN A 273 -8.73 -19.96 -7.83
C GLN A 273 -8.63 -20.51 -6.38
N ARG A 274 -7.50 -21.13 -6.05
CA ARG A 274 -7.29 -21.69 -4.69
C ARG A 274 -7.53 -20.67 -3.57
N GLU A 275 -7.00 -19.46 -3.71
CA GLU A 275 -7.11 -18.48 -2.64
C GLU A 275 -8.54 -18.02 -2.53
N THR A 276 -9.16 -17.68 -3.64
CA THR A 276 -10.56 -17.29 -3.62
C THR A 276 -11.42 -18.54 -3.62
#